data_6FCF
#
_entry.id   6FCF
#
_cell.length_a   42.171
_cell.length_b   65.469
_cell.length_c   59.257
_cell.angle_alpha   90.00
_cell.angle_beta   93.66
_cell.angle_gamma   90.00
#
_symmetry.space_group_name_H-M   'P 1 21 1'
#
loop_
_entity.id
_entity.type
_entity.pdbx_description
1 polymer 'Serine/threonine-protein kinase Chk1'
2 non-polymer 4-[[(2~{R},3~{S})-2-methylpiperidin-3-yl]amino]-2-phenyl-thieno[3,2-c]pyridine-7-carboxamide
3 non-polymer 'SULFATE ION'
4 water water
#
_entity_poly.entity_id   1
_entity_poly.type   'polypeptide(L)'
_entity_poly.pdbx_seq_one_letter_code
;MAVPFVEDWDLVQTLGEGAYGEVQLAVNRVTEEAVAVKIVDMKRAVDCPENIKKEI(CSS)INKMLNHENVVKFYGHRRE
GNIQYLFLEYCSGGELFDRIEPDIGMPEPDAQRFFHQLMAGVVYLHGIGITHRDIKPENLLLDERDNLKISDFGLATVFR
YNNRERLLNKM(CSS)GTLPYVAPELLKRREFHAEPVDVWSCGIVLTAMLAGELPWDQPSDSCQEYSDWKEKKTYLNPWK
KIDSAPLALLHKILVENPSARITIPDIKKDRWYNKPLKKGAKRP
;
_entity_poly.pdbx_strand_id   A
#
loop_
_chem_comp.id
_chem_comp.type
_chem_comp.name
_chem_comp.formula
D58 non-polymer 4-[[(2~{R},3~{S})-2-methylpiperidin-3-yl]amino]-2-phenyl-thieno[3,2-c]pyridine-7-carboxamide 'C20 H22 N4 O S'
SO4 non-polymer 'SULFATE ION' 'O4 S -2'
#
# COMPACT_ATOMS: atom_id res chain seq x y z
N TRP A 9 17.36 24.03 -7.18
CA TRP A 9 16.31 23.80 -6.17
C TRP A 9 16.72 24.25 -4.77
N ASP A 10 15.76 24.83 -4.03
CA ASP A 10 15.92 25.21 -2.61
C ASP A 10 15.20 24.14 -1.79
N LEU A 11 15.91 23.50 -0.85
CA LEU A 11 15.30 22.50 0.03
C LEU A 11 14.58 23.29 1.14
N VAL A 12 13.24 23.33 1.08
CA VAL A 12 12.38 24.09 2.00
C VAL A 12 12.27 23.41 3.38
N GLN A 13 11.84 22.14 3.43
CA GLN A 13 11.64 21.41 4.69
C GLN A 13 11.58 19.89 4.54
N THR A 14 11.75 19.18 5.66
CA THR A 14 11.66 17.72 5.69
C THR A 14 10.19 17.30 5.55
N LEU A 15 9.93 16.33 4.66
CA LEU A 15 8.61 15.73 4.45
C LEU A 15 8.51 14.40 5.19
N GLY A 16 9.65 13.72 5.34
CA GLY A 16 9.80 12.44 6.02
C GLY A 16 11.25 12.14 6.33
N GLU A 17 11.52 11.40 7.43
CA GLU A 17 12.87 11.05 7.91
C GLU A 17 12.89 9.67 8.58
N GLY A 18 13.91 8.89 8.27
CA GLY A 18 14.11 7.55 8.84
C GLY A 18 15.44 6.90 8.52
N ALA A 19 15.57 5.59 8.81
CA ALA A 19 16.77 4.78 8.58
C ALA A 19 17.15 4.72 7.07
N TYR A 20 16.12 4.71 6.21
CA TYR A 20 16.24 4.70 4.74
C TYR A 20 16.96 5.99 4.22
N GLY A 21 16.75 7.11 4.92
CA GLY A 21 17.24 8.43 4.58
C GLY A 21 16.18 9.47 4.88
N GLU A 22 15.95 10.41 3.95
CA GLU A 22 14.96 11.48 4.13
C GLU A 22 14.28 11.93 2.84
N VAL A 23 13.14 12.60 2.97
CA VAL A 23 12.40 13.17 1.84
C VAL A 23 12.28 14.67 2.12
N GLN A 24 12.69 15.50 1.15
CA GLN A 24 12.64 16.95 1.29
C GLN A 24 11.67 17.59 0.30
N LEU A 25 11.02 18.68 0.74
CA LEU A 25 10.20 19.48 -0.16
C LEU A 25 11.17 20.47 -0.83
N ALA A 26 11.20 20.47 -2.18
CA ALA A 26 12.06 21.36 -2.95
C ALA A 26 11.24 22.30 -3.79
N VAL A 27 11.58 23.60 -3.75
CA VAL A 27 10.87 24.62 -4.53
C VAL A 27 11.86 25.25 -5.49
N ASN A 28 11.48 25.31 -6.79
CA ASN A 28 12.31 25.83 -7.86
C ASN A 28 12.60 27.31 -7.71
N ARG A 29 13.90 27.65 -7.74
CA ARG A 29 14.46 29.00 -7.60
C ARG A 29 13.74 30.09 -8.42
N VAL A 30 13.41 29.79 -9.69
CA VAL A 30 12.77 30.74 -10.61
C VAL A 30 11.25 30.52 -10.79
N THR A 31 10.82 29.28 -11.11
CA THR A 31 9.42 28.94 -11.43
C THR A 31 8.48 28.79 -10.23
N GLU A 32 9.03 28.54 -9.01
CA GLU A 32 8.29 28.27 -7.77
C GLU A 32 7.58 26.89 -7.81
N GLU A 33 8.01 26.01 -8.75
CA GLU A 33 7.48 24.65 -8.87
C GLU A 33 7.94 23.83 -7.67
N ALA A 34 7.02 23.09 -7.06
CA ALA A 34 7.32 22.25 -5.90
C ALA A 34 7.43 20.78 -6.29
N VAL A 35 8.51 20.11 -5.84
CA VAL A 35 8.73 18.67 -6.05
C VAL A 35 9.20 18.06 -4.72
N ALA A 36 9.10 16.73 -4.59
CA ALA A 36 9.64 16.04 -3.43
C ALA A 36 10.97 15.39 -3.87
N VAL A 37 11.97 15.44 -3.01
CA VAL A 37 13.30 14.86 -3.29
C VAL A 37 13.65 13.81 -2.22
N LYS A 38 13.79 12.54 -2.64
CA LYS A 38 14.19 11.47 -1.73
C LYS A 38 15.71 11.36 -1.79
N ILE A 39 16.35 11.64 -0.66
CA ILE A 39 17.81 11.68 -0.51
C ILE A 39 18.26 10.42 0.24
N VAL A 40 19.03 9.57 -0.42
CA VAL A 40 19.49 8.31 0.16
C VAL A 40 21.00 8.14 0.03
N ASP A 41 21.68 7.90 1.16
CA ASP A 41 23.13 7.68 1.22
C ASP A 41 23.39 6.20 0.99
N MET A 42 24.10 5.87 -0.11
CA MET A 42 24.44 4.49 -0.45
C MET A 42 25.55 3.98 0.45
N ASN A 51 18.55 -2.55 -3.84
CA ASN A 51 18.11 -1.59 -2.83
C ASN A 51 17.59 -0.32 -3.52
N ILE A 52 18.35 0.81 -3.40
CA ILE A 52 18.00 2.08 -4.05
C ILE A 52 18.11 1.96 -5.56
N LYS A 53 19.08 1.13 -6.04
CA LYS A 53 19.31 0.86 -7.47
C LYS A 53 18.03 0.22 -8.03
N LYS A 54 17.46 -0.76 -7.29
CA LYS A 54 16.22 -1.45 -7.63
C LYS A 54 15.05 -0.46 -7.57
N GLU A 55 15.00 0.40 -6.53
CA GLU A 55 13.96 1.42 -6.39
C GLU A 55 13.91 2.34 -7.63
N ILE A 56 15.09 2.80 -8.12
CA ILE A 56 15.24 3.63 -9.31
C ILE A 56 14.79 2.85 -10.57
N CSS A 57 15.30 1.63 -10.75
CA CSS A 57 14.98 0.74 -11.86
CB CSS A 57 15.79 -0.57 -11.73
SG CSS A 57 15.40 -1.76 -13.04
SD CSS A 57 14.19 -3.10 -11.97
C CSS A 57 13.46 0.52 -11.96
O CSS A 57 12.90 0.69 -13.04
N ILE A 58 12.80 0.21 -10.81
CA ILE A 58 11.34 0.02 -10.76
C ILE A 58 10.62 1.31 -11.12
N ASN A 59 11.03 2.46 -10.54
CA ASN A 59 10.44 3.78 -10.80
C ASN A 59 10.44 4.15 -12.29
N LYS A 60 11.54 3.87 -13.02
CA LYS A 60 11.67 4.14 -14.47
C LYS A 60 10.61 3.42 -15.33
N MET A 61 10.07 2.28 -14.84
CA MET A 61 9.05 1.47 -15.51
C MET A 61 7.62 2.00 -15.36
N LEU A 62 7.37 2.87 -14.35
CA LEU A 62 6.02 3.28 -13.97
C LEU A 62 5.44 4.54 -14.63
N ASN A 63 4.15 4.45 -14.99
CA ASN A 63 3.36 5.54 -15.61
C ASN A 63 1.85 5.33 -15.36
N HIS A 64 1.34 5.90 -14.26
CA HIS A 64 -0.08 5.76 -13.88
C HIS A 64 -0.43 6.82 -12.86
N GLU A 65 -1.69 7.30 -12.88
CA GLU A 65 -2.23 8.32 -11.97
C GLU A 65 -2.21 7.89 -10.50
N ASN A 66 -2.30 6.57 -10.20
CA ASN A 66 -2.34 6.10 -8.80
C ASN A 66 -0.99 5.61 -8.28
N VAL A 67 0.08 6.10 -8.90
CA VAL A 67 1.46 5.85 -8.49
C VAL A 67 2.17 7.23 -8.43
N VAL A 68 3.01 7.46 -7.40
CA VAL A 68 3.76 8.72 -7.24
C VAL A 68 4.64 8.87 -8.49
N LYS A 69 4.41 9.93 -9.28
CA LYS A 69 5.16 10.19 -10.52
C LYS A 69 6.67 10.36 -10.25
N PHE A 70 7.49 9.71 -11.06
CA PHE A 70 8.95 9.77 -10.99
C PHE A 70 9.49 10.67 -12.10
N TYR A 71 10.19 11.76 -11.74
CA TYR A 71 10.73 12.73 -12.71
C TYR A 71 12.10 12.34 -13.21
N GLY A 72 12.89 11.74 -12.32
CA GLY A 72 14.24 11.32 -12.63
C GLY A 72 15.09 11.26 -11.39
N HIS A 73 16.36 10.94 -11.58
CA HIS A 73 17.29 10.80 -10.48
C HIS A 73 18.66 11.35 -10.84
N ARG A 74 19.44 11.71 -9.80
CA ARG A 74 20.79 12.21 -9.96
C ARG A 74 21.66 11.68 -8.81
N ARG A 75 22.83 11.14 -9.16
CA ARG A 75 23.79 10.66 -8.17
C ARG A 75 24.90 11.71 -8.01
N GLU A 76 25.14 12.12 -6.77
CA GLU A 76 26.21 13.06 -6.44
C GLU A 76 27.06 12.37 -5.38
N GLY A 77 28.27 11.95 -5.80
CA GLY A 77 29.18 11.17 -4.96
C GLY A 77 28.54 9.82 -4.69
N ASN A 78 28.28 9.52 -3.39
CA ASN A 78 27.61 8.29 -2.98
C ASN A 78 26.19 8.55 -2.43
N ILE A 79 25.60 9.69 -2.82
CA ILE A 79 24.24 10.06 -2.42
C ILE A 79 23.32 10.09 -3.65
N GLN A 80 22.17 9.39 -3.57
CA GLN A 80 21.17 9.35 -4.64
C GLN A 80 20.03 10.33 -4.34
N TYR A 81 19.60 11.06 -5.37
CA TYR A 81 18.50 12.01 -5.29
C TYR A 81 17.42 11.52 -6.24
N LEU A 82 16.22 11.26 -5.71
CA LEU A 82 15.09 10.79 -6.50
C LEU A 82 14.06 11.93 -6.53
N PHE A 83 13.78 12.47 -7.73
CA PHE A 83 12.83 13.56 -7.94
C PHE A 83 11.46 12.98 -8.24
N LEU A 84 10.52 13.27 -7.34
CA LEU A 84 9.16 12.74 -7.33
C LEU A 84 8.11 13.84 -7.27
N GLU A 85 6.89 13.53 -7.74
CA GLU A 85 5.80 14.49 -7.67
C GLU A 85 5.43 14.72 -6.20
N TYR A 86 5.28 16.01 -5.84
CA TYR A 86 4.93 16.39 -4.49
C TYR A 86 3.43 16.15 -4.23
N CYS A 87 3.15 15.36 -3.18
CA CYS A 87 1.81 14.99 -2.74
C CYS A 87 1.44 15.74 -1.45
N SER A 88 0.85 16.95 -1.64
CA SER A 88 0.53 17.90 -0.55
C SER A 88 -0.51 17.41 0.50
N GLY A 89 -1.29 16.36 0.16
CA GLY A 89 -2.28 15.79 1.09
C GLY A 89 -1.70 14.89 2.16
N GLY A 90 -0.41 14.57 2.08
CA GLY A 90 0.29 13.73 3.06
C GLY A 90 -0.09 12.25 3.03
N GLU A 91 0.36 11.50 4.06
CA GLU A 91 0.11 10.06 4.20
C GLU A 91 -1.34 9.75 4.50
N LEU A 92 -1.87 8.65 3.91
CA LEU A 92 -3.21 8.12 4.21
C LEU A 92 -3.29 7.83 5.73
N PHE A 93 -2.15 7.42 6.33
CA PHE A 93 -1.99 7.13 7.75
C PHE A 93 -2.59 8.24 8.62
N ASP A 94 -2.28 9.48 8.27
CA ASP A 94 -2.73 10.67 9.02
C ASP A 94 -4.22 11.01 8.80
N ARG A 95 -4.90 10.31 7.86
CA ARG A 95 -6.35 10.48 7.65
C ARG A 95 -7.13 9.43 8.45
N ILE A 96 -6.42 8.52 9.10
CA ILE A 96 -7.06 7.48 9.89
C ILE A 96 -7.08 7.90 11.36
N GLU A 97 -8.28 8.23 11.88
CA GLU A 97 -8.44 8.61 13.28
C GLU A 97 -8.26 7.36 14.13
N PRO A 98 -7.33 7.37 15.12
CA PRO A 98 -7.14 6.17 15.97
C PRO A 98 -8.43 5.71 16.63
N ASP A 99 -8.70 4.39 16.51
CA ASP A 99 -9.86 3.64 17.02
C ASP A 99 -11.23 4.06 16.40
N ILE A 100 -11.21 4.97 15.40
CA ILE A 100 -12.41 5.47 14.70
C ILE A 100 -12.34 5.16 13.19
N GLY A 101 -11.24 5.56 12.55
CA GLY A 101 -11.03 5.41 11.12
C GLY A 101 -11.39 6.68 10.36
N MET A 102 -12.39 6.57 9.47
CA MET A 102 -12.90 7.65 8.62
C MET A 102 -14.31 7.31 8.09
N PRO A 103 -15.10 8.29 7.57
CA PRO A 103 -16.43 7.95 7.03
C PRO A 103 -16.34 6.91 5.90
N GLU A 104 -17.30 5.97 5.88
CA GLU A 104 -17.38 4.88 4.90
C GLU A 104 -17.22 5.35 3.41
N PRO A 105 -17.84 6.46 2.92
CA PRO A 105 -17.60 6.87 1.52
C PRO A 105 -16.14 7.25 1.21
N ASP A 106 -15.42 7.83 2.19
CA ASP A 106 -14.00 8.17 2.01
C ASP A 106 -13.14 6.92 1.92
N ALA A 107 -13.38 5.95 2.82
CA ALA A 107 -12.68 4.65 2.85
C ALA A 107 -12.90 3.92 1.50
N GLN A 108 -14.15 3.91 1.02
CA GLN A 108 -14.49 3.30 -0.27
C GLN A 108 -13.75 3.98 -1.43
N ARG A 109 -13.74 5.33 -1.46
CA ARG A 109 -13.07 6.13 -2.49
C ARG A 109 -11.54 5.84 -2.51
N PHE A 110 -10.88 5.83 -1.34
CA PHE A 110 -9.45 5.52 -1.28
C PHE A 110 -9.17 4.07 -1.66
N PHE A 111 -10.07 3.12 -1.27
CA PHE A 111 -9.92 1.69 -1.62
C PHE A 111 -9.96 1.47 -3.14
N HIS A 112 -10.89 2.15 -3.85
CA HIS A 112 -11.04 2.11 -5.31
C HIS A 112 -9.72 2.50 -6.02
N GLN A 113 -9.11 3.59 -5.55
CA GLN A 113 -7.88 4.19 -6.09
C GLN A 113 -6.69 3.30 -5.79
N LEU A 114 -6.69 2.70 -4.59
CA LEU A 114 -5.64 1.78 -4.19
C LEU A 114 -5.66 0.57 -5.14
N MET A 115 -6.85 -0.02 -5.36
CA MET A 115 -7.05 -1.16 -6.27
CA MET A 115 -6.96 -1.18 -6.24
C MET A 115 -6.61 -0.83 -7.69
N ALA A 116 -6.93 0.39 -8.16
CA ALA A 116 -6.57 0.85 -9.51
C ALA A 116 -5.03 0.82 -9.66
N GLY A 117 -4.31 1.34 -8.66
CA GLY A 117 -2.86 1.36 -8.64
C GLY A 117 -2.24 -0.03 -8.65
N VAL A 118 -2.75 -0.93 -7.79
CA VAL A 118 -2.29 -2.32 -7.66
C VAL A 118 -2.55 -3.09 -9.00
N VAL A 119 -3.74 -2.93 -9.62
CA VAL A 119 -4.06 -3.53 -10.94
C VAL A 119 -2.95 -3.12 -11.92
N TYR A 120 -2.63 -1.81 -11.97
CA TYR A 120 -1.60 -1.29 -12.88
C TYR A 120 -0.25 -2.00 -12.65
N LEU A 121 0.24 -2.02 -11.38
CA LEU A 121 1.53 -2.67 -11.05
C LEU A 121 1.53 -4.17 -11.41
N HIS A 122 0.48 -4.92 -11.01
CA HIS A 122 0.40 -6.35 -11.30
C HIS A 122 0.36 -6.63 -12.81
N GLY A 123 -0.29 -5.74 -13.57
CA GLY A 123 -0.39 -5.82 -15.03
C GLY A 123 0.96 -5.76 -15.72
N ILE A 124 1.92 -4.99 -15.15
CA ILE A 124 3.26 -4.89 -15.73
C ILE A 124 4.26 -5.82 -14.97
N GLY A 125 3.72 -6.75 -14.18
CA GLY A 125 4.46 -7.77 -13.44
C GLY A 125 5.29 -7.28 -12.27
N ILE A 126 4.83 -6.20 -11.60
CA ILE A 126 5.49 -5.61 -10.42
C ILE A 126 4.61 -5.81 -9.17
N THR A 127 5.24 -6.25 -8.08
CA THR A 127 4.62 -6.35 -6.77
C THR A 127 5.29 -5.32 -5.85
N HIS A 128 4.48 -4.58 -5.08
CA HIS A 128 4.98 -3.53 -4.17
C HIS A 128 5.65 -4.13 -2.93
N ARG A 129 4.95 -5.09 -2.26
CA ARG A 129 5.39 -5.84 -1.05
C ARG A 129 5.48 -5.01 0.24
N ASP A 130 5.04 -3.74 0.23
CA ASP A 130 5.05 -2.88 1.42
C ASP A 130 3.82 -1.96 1.50
N ILE A 131 2.65 -2.45 1.03
CA ILE A 131 1.41 -1.68 1.06
C ILE A 131 0.94 -1.49 2.51
N LYS A 132 0.92 -0.24 2.95
CA LYS A 132 0.48 0.19 4.28
C LYS A 132 0.14 1.70 4.22
N PRO A 133 -0.69 2.25 5.16
CA PRO A 133 -1.11 3.65 5.03
C PRO A 133 0.03 4.67 5.02
N GLU A 134 1.19 4.31 5.61
CA GLU A 134 2.37 5.17 5.63
C GLU A 134 3.03 5.25 4.23
N ASN A 135 2.75 4.27 3.31
CA ASN A 135 3.30 4.22 1.93
C ASN A 135 2.28 4.60 0.84
N LEU A 136 1.17 5.22 1.27
CA LEU A 136 0.09 5.69 0.42
C LEU A 136 -0.08 7.20 0.62
N LEU A 137 0.22 7.98 -0.44
CA LEU A 137 0.13 9.43 -0.41
C LEU A 137 -1.12 9.97 -1.08
N LEU A 138 -1.51 11.18 -0.66
CA LEU A 138 -2.67 11.87 -1.23
C LEU A 138 -2.22 13.17 -1.86
N ASP A 139 -2.72 13.48 -3.05
CA ASP A 139 -2.36 14.74 -3.71
C ASP A 139 -3.25 15.91 -3.23
N GLU A 140 -3.18 17.08 -3.90
CA GLU A 140 -3.94 18.29 -3.54
C GLU A 140 -5.46 18.11 -3.72
N ARG A 141 -5.88 17.13 -4.54
CA ARG A 141 -7.29 16.84 -4.78
C ARG A 141 -7.74 15.55 -4.05
N ASP A 142 -6.93 15.08 -3.07
CA ASP A 142 -7.17 13.87 -2.27
C ASP A 142 -7.11 12.56 -3.09
N ASN A 143 -6.47 12.58 -4.27
CA ASN A 143 -6.25 11.39 -5.11
C ASN A 143 -5.11 10.57 -4.51
N LEU A 144 -5.34 9.25 -4.30
CA LEU A 144 -4.40 8.29 -3.70
C LEU A 144 -3.34 7.80 -4.70
N LYS A 145 -2.07 7.80 -4.26
CA LYS A 145 -0.91 7.42 -5.03
C LYS A 145 -0.01 6.46 -4.23
N ILE A 146 0.32 5.31 -4.84
CA ILE A 146 1.19 4.31 -4.21
C ILE A 146 2.61 4.85 -4.24
N SER A 147 3.29 4.77 -3.09
CA SER A 147 4.62 5.33 -2.90
C SER A 147 5.62 4.32 -2.34
N ASP A 148 6.92 4.64 -2.47
CA ASP A 148 8.10 3.94 -1.92
C ASP A 148 8.25 2.50 -2.43
N PHE A 149 8.93 2.36 -3.58
CA PHE A 149 9.13 1.10 -4.31
C PHE A 149 10.46 0.39 -3.97
N GLY A 150 11.05 0.76 -2.83
CA GLY A 150 12.31 0.21 -2.34
C GLY A 150 12.29 -1.28 -2.02
N LEU A 151 11.09 -1.86 -1.79
CA LEU A 151 10.91 -3.30 -1.51
C LEU A 151 10.25 -4.01 -2.69
N ALA A 152 9.92 -3.26 -3.75
CA ALA A 152 9.24 -3.80 -4.92
C ALA A 152 10.15 -4.71 -5.80
N THR A 153 9.54 -5.62 -6.58
CA THR A 153 10.27 -6.54 -7.46
C THR A 153 9.42 -7.01 -8.64
N VAL A 154 10.07 -7.62 -9.65
CA VAL A 154 9.42 -8.23 -10.81
C VAL A 154 9.05 -9.69 -10.47
N PHE A 155 7.77 -10.08 -10.66
CA PHE A 155 7.28 -11.43 -10.39
C PHE A 155 6.82 -12.18 -11.66
N ARG A 156 6.77 -11.50 -12.80
CA ARG A 156 6.34 -12.06 -14.08
C ARG A 156 7.25 -11.53 -15.18
N TYR A 157 7.80 -12.41 -16.04
CA TYR A 157 8.76 -11.97 -17.05
C TYR A 157 8.17 -11.78 -18.45
N ASN A 158 7.37 -12.74 -18.96
CA ASN A 158 6.71 -12.65 -20.28
C ASN A 158 5.61 -13.69 -20.27
N ASN A 159 4.51 -13.37 -19.55
CA ASN A 159 3.36 -14.24 -19.29
C ASN A 159 3.76 -15.42 -18.37
N ARG A 160 5.02 -15.39 -17.86
CA ARG A 160 5.60 -16.43 -17.00
C ARG A 160 5.89 -15.91 -15.60
N GLU A 161 5.16 -16.43 -14.62
CA GLU A 161 5.26 -16.07 -13.22
C GLU A 161 6.37 -16.84 -12.50
N ARG A 162 7.00 -16.18 -11.51
CA ARG A 162 7.97 -16.81 -10.59
C ARG A 162 7.43 -16.68 -9.17
N LEU A 163 7.72 -17.67 -8.31
CA LEU A 163 7.29 -17.58 -6.91
C LEU A 163 8.33 -16.75 -6.15
N LEU A 164 7.86 -16.05 -5.11
CA LEU A 164 8.71 -15.20 -4.27
C LEU A 164 8.97 -15.89 -2.94
N ASN A 165 10.06 -15.51 -2.25
CA ASN A 165 10.40 -16.09 -0.96
C ASN A 165 10.94 -15.07 0.08
N LYS A 166 10.89 -13.76 -0.24
CA LYS A 166 11.41 -12.73 0.64
C LYS A 166 10.42 -12.28 1.73
N MET A 167 10.93 -12.14 2.97
CA MET A 167 10.20 -11.73 4.19
C MET A 167 10.10 -10.20 4.27
N CSS A 168 9.37 -9.60 3.33
CA CSS A 168 9.23 -8.15 3.26
CB CSS A 168 9.07 -7.71 1.76
SG CSS A 168 10.44 -8.30 0.74
SD CSS A 168 12.08 -7.21 1.52
C CSS A 168 7.97 -7.66 3.97
O CSS A 168 6.97 -8.40 4.03
N GLY A 169 8.00 -6.43 4.46
CA GLY A 169 6.86 -5.79 5.10
C GLY A 169 6.83 -5.77 6.60
N THR A 170 5.80 -5.10 7.16
CA THR A 170 5.56 -4.96 8.60
C THR A 170 4.49 -5.99 8.99
N LEU A 171 4.81 -6.91 9.96
CA LEU A 171 3.99 -8.05 10.41
C LEU A 171 2.46 -7.78 10.45
N PRO A 172 1.90 -6.69 11.03
CA PRO A 172 0.42 -6.51 10.98
C PRO A 172 -0.18 -6.51 9.55
N TYR A 173 0.61 -6.11 8.53
CA TYR A 173 0.19 -6.00 7.12
C TYR A 173 0.48 -7.22 6.25
N VAL A 174 1.41 -8.10 6.69
CA VAL A 174 1.85 -9.26 5.90
C VAL A 174 0.83 -10.40 5.87
N ALA A 175 0.75 -11.08 4.72
CA ALA A 175 -0.13 -12.23 4.50
C ALA A 175 0.42 -13.46 5.30
N PRO A 176 -0.46 -14.35 5.81
CA PRO A 176 0.01 -15.48 6.65
C PRO A 176 0.93 -16.49 5.97
N GLU A 177 0.83 -16.63 4.62
CA GLU A 177 1.68 -17.55 3.86
C GLU A 177 3.19 -17.22 3.97
N LEU A 178 3.56 -15.92 4.23
CA LEU A 178 4.95 -15.48 4.40
C LEU A 178 5.63 -16.17 5.58
N LEU A 179 4.85 -16.49 6.63
CA LEU A 179 5.33 -17.14 7.83
C LEU A 179 5.31 -18.65 7.71
N LYS A 180 4.46 -19.20 6.81
CA LYS A 180 4.24 -20.64 6.65
C LYS A 180 5.01 -21.30 5.50
N ARG A 181 4.88 -20.76 4.28
CA ARG A 181 5.44 -21.34 3.06
C ARG A 181 6.86 -20.92 2.73
N ARG A 182 7.63 -21.85 2.13
CA ARG A 182 9.01 -21.62 1.69
C ARG A 182 9.00 -20.56 0.56
N GLU A 183 7.98 -20.61 -0.31
CA GLU A 183 7.75 -19.70 -1.43
C GLU A 183 6.25 -19.58 -1.69
N PHE A 184 5.81 -18.47 -2.33
CA PHE A 184 4.40 -18.13 -2.51
C PHE A 184 4.18 -17.18 -3.72
N HIS A 185 2.92 -17.08 -4.19
CA HIS A 185 2.52 -16.19 -5.29
C HIS A 185 2.53 -14.75 -4.79
N ALA A 186 3.02 -13.83 -5.63
CA ALA A 186 3.14 -12.41 -5.32
C ALA A 186 1.81 -11.66 -5.15
N GLU A 187 0.89 -11.80 -6.12
CA GLU A 187 -0.38 -11.06 -6.16
C GLU A 187 -1.27 -11.24 -4.90
N PRO A 188 -1.51 -12.46 -4.34
CA PRO A 188 -2.34 -12.57 -3.12
C PRO A 188 -1.75 -11.86 -1.89
N VAL A 189 -0.41 -11.67 -1.86
CA VAL A 189 0.29 -10.96 -0.78
C VAL A 189 -0.11 -9.46 -0.79
N ASP A 190 -0.08 -8.81 -1.97
CA ASP A 190 -0.52 -7.41 -2.08
C ASP A 190 -2.02 -7.28 -1.79
N VAL A 191 -2.85 -8.26 -2.22
CA VAL A 191 -4.32 -8.26 -2.00
C VAL A 191 -4.61 -8.27 -0.48
N TRP A 192 -3.91 -9.14 0.28
CA TRP A 192 -4.04 -9.20 1.74
C TRP A 192 -3.72 -7.84 2.41
N SER A 193 -2.56 -7.22 2.05
CA SER A 193 -2.16 -5.93 2.64
C SER A 193 -3.19 -4.84 2.36
N CYS A 194 -3.80 -4.84 1.14
CA CYS A 194 -4.89 -3.92 0.80
C CYS A 194 -6.10 -4.15 1.71
N GLY A 195 -6.38 -5.40 2.08
CA GLY A 195 -7.49 -5.73 2.99
C GLY A 195 -7.27 -5.15 4.40
N ILE A 196 -6.01 -5.19 4.88
CA ILE A 196 -5.62 -4.65 6.20
C ILE A 196 -5.79 -3.13 6.18
N VAL A 197 -5.37 -2.49 5.07
CA VAL A 197 -5.49 -1.05 4.84
C VAL A 197 -6.98 -0.67 4.92
N LEU A 198 -7.85 -1.43 4.21
CA LEU A 198 -9.30 -1.22 4.24
C LEU A 198 -9.86 -1.32 5.69
N THR A 199 -9.46 -2.36 6.45
CA THR A 199 -9.88 -2.54 7.85
C THR A 199 -9.49 -1.29 8.67
N ALA A 200 -8.22 -0.83 8.55
CA ALA A 200 -7.71 0.36 9.25
C ALA A 200 -8.52 1.61 8.89
N MET A 201 -8.83 1.85 7.60
CA MET A 201 -9.62 3.03 7.20
C MET A 201 -11.05 3.04 7.81
N LEU A 202 -11.69 1.86 7.88
CA LEU A 202 -13.07 1.70 8.37
C LEU A 202 -13.22 1.74 9.90
N ALA A 203 -12.20 1.27 10.65
CA ALA A 203 -12.30 1.17 12.11
C ALA A 203 -11.16 1.81 12.93
N GLY A 204 -10.11 2.33 12.27
CA GLY A 204 -8.96 3.01 12.89
C GLY A 204 -8.12 2.13 13.79
N GLU A 205 -8.12 0.83 13.51
CA GLU A 205 -7.47 -0.19 14.31
C GLU A 205 -6.92 -1.32 13.42
N LEU A 206 -5.72 -1.79 13.75
CA LEU A 206 -5.13 -2.95 13.07
C LEU A 206 -5.78 -4.19 13.73
N PRO A 207 -6.28 -5.17 12.95
CA PRO A 207 -7.01 -6.30 13.54
C PRO A 207 -6.19 -7.31 14.38
N TRP A 208 -4.91 -7.52 14.05
CA TRP A 208 -4.01 -8.44 14.78
C TRP A 208 -2.55 -8.00 14.67
N ASP A 209 -1.73 -8.29 15.68
CA ASP A 209 -0.31 -7.94 15.62
C ASP A 209 0.44 -8.87 14.65
N GLN A 210 0.00 -10.13 14.54
CA GLN A 210 0.60 -11.14 13.66
C GLN A 210 -0.49 -11.97 12.97
N PRO A 211 -0.32 -12.35 11.68
CA PRO A 211 -1.32 -13.23 11.03
C PRO A 211 -1.01 -14.72 11.32
N SER A 212 -1.16 -15.13 12.60
CA SER A 212 -0.85 -16.50 13.05
C SER A 212 -1.85 -16.98 14.08
N ASP A 213 -2.08 -18.31 14.12
CA ASP A 213 -2.96 -18.96 15.10
C ASP A 213 -2.50 -18.63 16.53
N SER A 214 -1.19 -18.35 16.71
CA SER A 214 -0.59 -17.96 18.00
C SER A 214 -1.07 -16.56 18.49
N CYS A 215 -1.61 -15.72 17.59
CA CYS A 215 -2.15 -14.39 17.93
C CYS A 215 -3.68 -14.52 18.15
N GLN A 216 -4.16 -14.28 19.40
CA GLN A 216 -5.59 -14.41 19.77
C GLN A 216 -6.56 -13.65 18.82
N GLU A 217 -6.21 -12.42 18.42
CA GLU A 217 -7.04 -11.60 17.51
C GLU A 217 -7.18 -12.23 16.13
N TYR A 218 -6.13 -12.94 15.66
CA TYR A 218 -6.17 -13.65 14.38
C TYR A 218 -7.08 -14.88 14.48
N SER A 219 -6.89 -15.68 15.55
CA SER A 219 -7.74 -16.86 15.81
C SER A 219 -9.21 -16.46 15.95
N ASP A 220 -9.50 -15.32 16.63
CA ASP A 220 -10.86 -14.79 16.82
C ASP A 220 -11.54 -14.49 15.46
N TRP A 221 -10.78 -13.88 14.51
CA TRP A 221 -11.27 -13.58 13.16
C TRP A 221 -11.63 -14.87 12.40
N LYS A 222 -10.76 -15.89 12.47
CA LYS A 222 -10.99 -17.19 11.79
C LYS A 222 -12.21 -17.92 12.37
N GLU A 223 -12.48 -17.71 13.67
CA GLU A 223 -13.62 -18.25 14.41
C GLU A 223 -14.91 -17.41 14.21
N LYS A 224 -14.84 -16.35 13.36
CA LYS A 224 -15.95 -15.44 13.00
C LYS A 224 -16.56 -14.68 14.19
N LYS A 225 -15.74 -14.31 15.18
CA LYS A 225 -16.17 -13.56 16.37
C LYS A 225 -16.17 -12.06 16.02
N THR A 226 -17.08 -11.67 15.11
CA THR A 226 -17.16 -10.31 14.57
C THR A 226 -17.91 -9.33 15.47
N TYR A 227 -18.35 -9.77 16.66
CA TYR A 227 -18.98 -8.92 17.69
C TYR A 227 -17.85 -8.16 18.43
N LEU A 228 -16.59 -8.57 18.19
CA LEU A 228 -15.39 -7.98 18.79
C LEU A 228 -14.83 -6.89 17.89
N ASN A 229 -14.01 -6.00 18.47
CA ASN A 229 -13.32 -4.93 17.76
C ASN A 229 -12.20 -5.57 16.90
N PRO A 230 -11.90 -5.04 15.70
CA PRO A 230 -12.46 -3.84 15.05
C PRO A 230 -13.75 -4.08 14.25
N TRP A 231 -14.12 -5.36 14.06
CA TRP A 231 -15.25 -5.83 13.24
C TRP A 231 -16.63 -5.26 13.64
N LYS A 232 -16.88 -5.02 14.94
CA LYS A 232 -18.17 -4.47 15.39
C LYS A 232 -18.42 -3.04 14.89
N LYS A 233 -17.35 -2.31 14.52
CA LYS A 233 -17.44 -0.94 14.01
C LYS A 233 -17.67 -0.90 12.47
N ILE A 234 -17.52 -2.04 11.79
CA ILE A 234 -17.65 -2.16 10.33
C ILE A 234 -19.03 -2.64 9.90
N ASP A 235 -19.61 -1.96 8.90
CA ASP A 235 -20.92 -2.31 8.35
C ASP A 235 -20.86 -3.69 7.67
N SER A 236 -22.01 -4.42 7.67
CA SER A 236 -22.14 -5.75 7.08
C SER A 236 -21.61 -5.85 5.63
N ALA A 237 -21.89 -4.83 4.77
CA ALA A 237 -21.46 -4.81 3.36
C ALA A 237 -19.92 -4.78 3.20
N PRO A 238 -19.14 -3.80 3.75
CA PRO A 238 -17.67 -3.89 3.65
C PRO A 238 -17.08 -5.09 4.42
N LEU A 239 -17.74 -5.52 5.53
CA LEU A 239 -17.34 -6.70 6.31
C LEU A 239 -17.36 -7.98 5.46
N ALA A 240 -18.38 -8.13 4.58
CA ALA A 240 -18.51 -9.26 3.66
C ALA A 240 -17.34 -9.31 2.66
N LEU A 241 -16.87 -8.12 2.18
CA LEU A 241 -15.72 -8.05 1.28
C LEU A 241 -14.45 -8.44 2.06
N LEU A 242 -14.33 -7.95 3.33
CA LEU A 242 -13.19 -8.25 4.20
C LEU A 242 -13.07 -9.75 4.47
N HIS A 243 -14.23 -10.43 4.65
CA HIS A 243 -14.32 -11.88 4.84
C HIS A 243 -13.79 -12.64 3.59
N LYS A 244 -13.85 -12.03 2.38
CA LYS A 244 -13.33 -12.62 1.13
C LYS A 244 -11.83 -12.33 0.89
N ILE A 245 -11.33 -11.15 1.32
CA ILE A 245 -9.92 -10.77 1.18
C ILE A 245 -9.04 -11.41 2.26
N LEU A 246 -9.48 -11.34 3.52
CA LEU A 246 -8.65 -11.84 4.63
C LEU A 246 -8.86 -13.34 4.88
N VAL A 247 -8.65 -14.13 3.83
CA VAL A 247 -8.74 -15.58 3.77
C VAL A 247 -7.29 -16.10 3.88
N GLU A 248 -7.06 -17.03 4.84
CA GLU A 248 -5.75 -17.60 5.13
C GLU A 248 -5.09 -18.29 3.92
N ASN A 249 -5.82 -19.19 3.23
CA ASN A 249 -5.31 -19.93 2.07
C ASN A 249 -5.23 -18.97 0.88
N PRO A 250 -3.99 -18.65 0.39
CA PRO A 250 -3.87 -17.71 -0.75
C PRO A 250 -4.58 -18.19 -2.03
N SER A 251 -4.72 -19.53 -2.21
CA SER A 251 -5.43 -20.09 -3.37
C SER A 251 -6.94 -19.82 -3.32
N ALA A 252 -7.53 -19.71 -2.10
CA ALA A 252 -8.96 -19.45 -1.90
C ALA A 252 -9.28 -17.95 -1.78
N ARG A 253 -8.26 -17.14 -1.50
CA ARG A 253 -8.39 -15.70 -1.35
C ARG A 253 -8.95 -15.06 -2.64
N ILE A 254 -9.80 -14.03 -2.48
CA ILE A 254 -10.39 -13.30 -3.60
C ILE A 254 -9.28 -12.63 -4.44
N THR A 255 -9.44 -12.67 -5.77
CA THR A 255 -8.55 -12.02 -6.73
C THR A 255 -9.12 -10.62 -6.95
N ILE A 256 -8.33 -9.70 -7.56
CA ILE A 256 -8.75 -8.33 -7.84
C ILE A 256 -9.94 -8.32 -8.85
N PRO A 257 -9.94 -9.11 -9.98
CA PRO A 257 -11.15 -9.14 -10.85
C PRO A 257 -12.45 -9.46 -10.09
N ASP A 258 -12.39 -10.31 -9.04
CA ASP A 258 -13.59 -10.58 -8.25
C ASP A 258 -13.89 -9.47 -7.22
N ILE A 259 -12.84 -8.77 -6.72
CA ILE A 259 -13.03 -7.61 -5.82
C ILE A 259 -13.83 -6.52 -6.61
N LYS A 260 -13.48 -6.32 -7.90
CA LYS A 260 -14.16 -5.37 -8.78
C LYS A 260 -15.67 -5.65 -8.96
N LYS A 261 -16.09 -6.91 -8.69
CA LYS A 261 -17.49 -7.37 -8.78
C LYS A 261 -18.25 -7.39 -7.44
N ASP A 262 -17.55 -7.17 -6.30
CA ASP A 262 -18.16 -7.16 -4.97
C ASP A 262 -19.28 -6.11 -4.84
N ARG A 263 -20.37 -6.46 -4.13
CA ARG A 263 -21.54 -5.59 -3.89
C ARG A 263 -21.16 -4.26 -3.25
N TRP A 264 -20.41 -4.28 -2.14
CA TRP A 264 -19.99 -3.06 -1.45
C TRP A 264 -19.06 -2.20 -2.33
N TYR A 265 -18.10 -2.84 -3.01
CA TYR A 265 -17.16 -2.16 -3.92
C TYR A 265 -17.91 -1.34 -5.00
N ASN A 266 -19.04 -1.85 -5.48
CA ASN A 266 -19.89 -1.23 -6.51
C ASN A 266 -21.11 -0.45 -5.98
N LYS A 267 -21.17 -0.24 -4.67
CA LYS A 267 -22.28 0.47 -4.04
C LYS A 267 -22.04 2.00 -4.08
N PRO A 268 -22.95 2.77 -4.72
CA PRO A 268 -22.82 4.22 -4.74
C PRO A 268 -22.98 4.78 -3.31
N LEU A 269 -21.95 5.52 -2.88
CA LEU A 269 -21.88 6.14 -1.56
CA LEU A 269 -21.89 6.15 -1.56
C LEU A 269 -21.58 7.64 -1.71
C1 D58 B . 5.16 8.32 1.96
C2 D58 B . 6.16 8.22 3.10
C3 D58 B . 7.57 6.38 4.14
C7 D58 B . 6.97 11.14 1.68
C8 D58 B . 7.24 11.32 -0.62
C9 D58 B . 6.45 12.44 -0.74
C10 D58 B . 6.15 13.04 -2.05
C11 D58 B . 5.91 12.92 0.43
C12 D58 B . 4.73 14.05 2.32
C13 D58 B . 5.48 12.96 2.70
C14 D58 B . 6.17 12.29 1.65
C15 D58 B . 3.90 14.96 3.11
C16 D58 B . 3.83 14.80 4.48
C19 D58 B . 2.37 16.80 3.25
C20 D58 B . 3.18 15.97 2.50
N1 D58 B . 6.51 6.76 3.15
C4 D58 B . 8.83 7.14 3.75
C5 D58 B . 8.54 8.64 3.76
C6 D58 B . 7.42 9.03 2.80
N2 D58 B . 7.22 10.49 2.92
N3 D58 B . 7.50 10.69 0.54
O1 D58 B . 5.58 14.12 -2.12
N4 D58 B . 6.48 12.27 -3.14
S1 D58 B . 4.86 14.28 0.62
C17 D58 B . 3.01 15.62 5.23
C18 D58 B . 2.28 16.63 4.61
S SO4 C . 13.52 -10.62 -4.80
O1 SO4 C . 14.56 -11.60 -4.49
O2 SO4 C . 13.65 -10.16 -6.18
O3 SO4 C . 13.67 -9.48 -3.88
O4 SO4 C . 12.18 -11.22 -4.64
#